data_3DY0
#
_entry.id   3DY0
#
_cell.length_a   61.051
_cell.length_b   49.451
_cell.length_c   64.969
_cell.angle_alpha   90.00
_cell.angle_beta   113.08
_cell.angle_gamma   90.00
#
_symmetry.space_group_name_H-M   'P 1 21 1'
#
loop_
_entity.id
_entity.type
_entity.pdbx_description
1 polymer 'N-terminus Plasma serine protease inhibitor'
2 polymer 'C-terminus Plasma serine protease inhibitor'
3 branched '2-O-sulfo-alpha-L-idopyranuronic acid-(1-4)-2-deoxy-6-O-sulfo-2-(sulfoamino)-alpha-D-glucopyranose-(1-4)-2-O-sulfo-alpha-L-idopyranuronic acid-(1-4)-2-deoxy-6-O-sulfo-2-(sulfoamino)-alpha-D-glucopyranose-(1-4)-2-O-sulfo-alpha-L-idopyranuronic acid'
4 non-polymer 'NITRATE ION'
5 non-polymer GLYCEROL
6 water water
#
loop_
_entity_poly.entity_id
_entity_poly.type
_entity_poly.pdbx_seq_one_letter_code
_entity_poly.pdbx_strand_id
1 'polypeptide(L)'
;GATVAPSSRRDFTFDLYRALASAAPSQNIFFSPVSISMSLAMLSLGAGSSTKMQILEGLGLNLQKSSEKELHRGFQQLLQ
ELNQPRDGFQLSLGNALFTDLVVDLQDTFVSAMKTLYLADTFPTNFRDSAGAMKQINDYVAKQTKGKIVDLLKNLDSNAV
VIMVNYIFFKAKWETSFNHKGTQEQDFYVTSETVVRVPMMSREDQYHYLLDRNLSCRVVGVPYQGNATALFILPSEGKMQ
QVENGLSEKTLRKWLKMFKKRQLELYLPKFSIEGSYQLEKVLPSLGISNVFTSHADLSGISNHSNIQVSEMVHKAVVEVD
ESGTRAAAATGTIFTF
;
A
2 'polypeptide(L)' RSQRLVFNRPFLMFIVDNNILFLGKVNRP B
#
# COMPACT_ATOMS: atom_id res chain seq x y z
C ARG A 9 3.99 0.99 19.06
N ARG A 10 5.07 1.18 18.31
N ARG A 10 5.06 1.26 18.31
CA ARG A 10 4.99 1.70 16.94
CA ARG A 10 4.94 1.73 16.94
C ARG A 10 4.67 0.58 15.95
C ARG A 10 4.65 0.60 15.98
N ASP A 11 3.57 0.74 15.22
CA ASP A 11 3.16 -0.25 14.24
C ASP A 11 2.93 0.52 12.94
N PHE A 12 3.93 0.52 12.07
CA PHE A 12 3.86 1.28 10.83
C PHE A 12 2.57 1.17 10.03
N THR A 13 2.29 -0.02 9.52
CA THR A 13 1.11 -0.23 8.69
C THR A 13 -0.20 0.24 9.30
N PHE A 14 -0.43 -0.12 10.55
CA PHE A 14 -1.69 0.23 11.18
C PHE A 14 -1.76 1.61 11.80
N ASP A 15 -0.62 2.16 12.18
CA ASP A 15 -0.62 3.52 12.70
C ASP A 15 -0.88 4.41 11.47
N LEU A 16 -0.34 4.01 10.32
CA LEU A 16 -0.55 4.78 9.10
C LEU A 16 -2.03 4.66 8.70
N TYR A 17 -2.56 3.44 8.75
CA TYR A 17 -3.96 3.24 8.40
C TYR A 17 -4.84 4.17 9.23
N ARG A 18 -4.63 4.17 10.55
CA ARG A 18 -5.44 5.00 11.43
C ARG A 18 -5.30 6.49 11.16
N ALA A 19 -4.09 6.94 10.80
CA ALA A 19 -3.88 8.35 10.49
C ALA A 19 -4.71 8.73 9.26
N LEU A 20 -4.69 7.86 8.25
CA LEU A 20 -5.44 8.11 7.02
C LEU A 20 -6.94 8.09 7.30
N ALA A 21 -7.40 7.11 8.08
CA ALA A 21 -8.81 6.99 8.41
C ALA A 21 -9.31 8.20 9.18
N SER A 22 -8.50 8.67 10.12
CA SER A 22 -8.87 9.83 10.93
C SER A 22 -8.89 11.11 10.10
N ALA A 23 -8.04 11.18 9.10
CA ALA A 23 -7.96 12.36 8.25
C ALA A 23 -9.13 12.46 7.28
N ALA A 24 -9.80 11.34 7.02
CA ALA A 24 -10.94 11.31 6.11
C ALA A 24 -12.02 10.35 6.59
N PRO A 25 -12.80 10.76 7.59
N PRO A 25 -12.78 10.75 7.62
CA PRO A 25 -13.86 9.91 8.13
CA PRO A 25 -13.84 9.91 8.17
C PRO A 25 -14.93 9.53 7.10
C PRO A 25 -14.93 9.52 7.17
N SER A 26 -15.47 8.33 7.25
N SER A 26 -15.39 8.27 7.27
CA SER A 26 -16.51 7.79 6.37
CA SER A 26 -16.45 7.75 6.41
C SER A 26 -16.09 7.70 4.90
C SER A 26 -16.08 7.64 4.93
N GLN A 27 -14.79 7.78 4.64
CA GLN A 27 -14.33 7.70 3.25
C GLN A 27 -13.57 6.40 3.00
N ASN A 28 -13.50 6.00 1.73
CA ASN A 28 -12.76 4.80 1.38
C ASN A 28 -11.29 5.06 1.67
N ILE A 29 -10.58 4.01 2.05
N ILE A 29 -10.58 4.02 2.06
CA ILE A 29 -9.16 4.08 2.33
CA ILE A 29 -9.15 4.11 2.35
C ILE A 29 -8.52 2.94 1.56
C ILE A 29 -8.51 2.94 1.61
N PHE A 30 -7.40 3.20 0.92
CA PHE A 30 -6.70 2.14 0.20
C PHE A 30 -5.27 2.51 -0.08
N PHE A 31 -4.34 1.67 0.36
CA PHE A 31 -2.94 1.93 0.11
C PHE A 31 -2.13 0.65 0.16
N SER A 32 -0.87 0.73 -0.27
CA SER A 32 0.01 -0.43 -0.24
C SER A 32 1.08 -0.21 0.83
N PRO A 33 0.96 -0.95 1.94
CA PRO A 33 1.94 -0.81 3.02
C PRO A 33 3.37 -1.07 2.54
N VAL A 34 3.55 -2.12 1.75
N VAL A 34 3.52 -2.12 1.74
CA VAL A 34 4.88 -2.46 1.27
CA VAL A 34 4.82 -2.51 1.21
C VAL A 34 5.48 -1.39 0.37
C VAL A 34 5.46 -1.41 0.37
N SER A 35 4.65 -0.75 -0.45
CA SER A 35 5.15 0.30 -1.33
C SER A 35 5.71 1.47 -0.52
N ILE A 36 4.98 1.86 0.51
CA ILE A 36 5.39 2.96 1.35
C ILE A 36 6.57 2.62 2.26
N SER A 37 6.52 1.44 2.87
N SER A 37 6.54 1.44 2.88
CA SER A 37 7.61 0.99 3.73
CA SER A 37 7.64 1.08 3.75
C SER A 37 8.90 0.89 2.94
C SER A 37 8.92 0.89 2.94
N MET A 38 8.81 0.33 1.74
CA MET A 38 9.99 0.16 0.89
C MET A 38 10.52 1.55 0.54
N SER A 39 9.62 2.49 0.25
CA SER A 39 10.05 3.86 -0.08
C SER A 39 10.77 4.51 1.09
N LEU A 40 10.25 4.32 2.29
CA LEU A 40 10.86 4.89 3.49
C LEU A 40 12.21 4.23 3.77
N ALA A 41 12.29 2.92 3.53
CA ALA A 41 13.54 2.20 3.74
C ALA A 41 14.61 2.74 2.79
N MET A 42 14.24 2.95 1.53
CA MET A 42 15.20 3.48 0.55
C MET A 42 15.61 4.89 0.97
N LEU A 43 14.63 5.67 1.42
CA LEU A 43 14.90 7.04 1.84
C LEU A 43 15.91 7.05 3.00
N SER A 44 15.82 6.08 3.90
CA SER A 44 16.74 6.02 5.03
C SER A 44 18.19 5.78 4.60
N LEU A 45 18.38 5.20 3.42
CA LEU A 45 19.73 4.93 2.94
C LEU A 45 20.57 6.19 2.86
N GLY A 46 19.94 7.31 2.55
CA GLY A 46 20.67 8.56 2.43
C GLY A 46 20.33 9.56 3.51
N ALA A 47 19.74 9.09 4.60
CA ALA A 47 19.38 9.97 5.70
C ALA A 47 20.40 9.85 6.83
N GLY A 48 20.48 10.89 7.65
CA GLY A 48 21.41 10.86 8.76
C GLY A 48 20.79 11.38 10.04
N SER A 49 21.53 11.26 11.14
CA SER A 49 21.10 11.72 12.46
C SER A 49 19.61 11.54 12.81
N SER A 50 18.99 12.60 13.32
N SER A 50 18.99 12.60 13.32
CA SER A 50 17.59 12.54 13.70
CA SER A 50 17.59 12.54 13.70
C SER A 50 16.64 12.20 12.55
C SER A 50 16.64 12.21 12.55
N THR A 51 16.99 12.65 11.34
CA THR A 51 16.15 12.39 10.18
C THR A 51 16.03 10.90 9.92
N LYS A 52 17.16 10.20 9.99
CA LYS A 52 17.18 8.75 9.77
C LYS A 52 16.53 8.03 10.95
N MET A 53 16.80 8.51 12.16
N MET A 53 16.80 8.51 12.16
CA MET A 53 16.24 7.91 13.37
CA MET A 53 16.25 7.91 13.36
C MET A 53 14.71 7.84 13.29
C MET A 53 14.72 7.85 13.30
N GLN A 54 14.10 8.97 12.96
CA GLN A 54 12.65 9.03 12.87
C GLN A 54 12.10 8.04 11.85
N ILE A 55 12.78 7.92 10.72
CA ILE A 55 12.31 7.00 9.69
C ILE A 55 12.37 5.55 10.17
N LEU A 56 13.49 5.15 10.76
CA LEU A 56 13.61 3.77 11.24
C LEU A 56 12.63 3.48 12.37
N GLU A 57 12.47 4.42 13.29
CA GLU A 57 11.54 4.21 14.40
C GLU A 57 10.10 4.19 13.87
N GLY A 58 9.83 5.00 12.86
CA GLY A 58 8.50 5.04 12.28
C GLY A 58 8.13 3.73 11.62
N LEU A 59 9.14 3.03 11.10
CA LEU A 59 8.94 1.75 10.43
C LEU A 59 8.78 0.63 11.47
N GLY A 60 8.99 0.97 12.74
CA GLY A 60 8.85 -0.02 13.79
C GLY A 60 10.12 -0.72 14.24
N LEU A 61 11.27 -0.21 13.82
N LEU A 61 11.27 -0.20 13.82
CA LEU A 61 12.54 -0.81 14.20
CA LEU A 61 12.55 -0.80 14.19
C LEU A 61 13.05 -0.24 15.52
C LEU A 61 13.08 -0.21 15.50
N ASN A 62 13.92 -0.98 16.19
CA ASN A 62 14.51 -0.53 17.44
C ASN A 62 15.81 0.18 17.11
N LEU A 63 16.67 0.39 18.10
CA LEU A 63 17.93 1.09 17.88
C LEU A 63 19.11 0.19 17.51
N GLN A 64 18.85 -1.10 17.32
CA GLN A 64 19.91 -2.05 16.98
C GLN A 64 20.33 -1.94 15.51
N LYS A 65 21.64 -1.85 15.29
CA LYS A 65 22.19 -1.75 13.93
C LYS A 65 21.81 -2.99 13.13
N SER A 66 21.69 -4.12 13.82
CA SER A 66 21.33 -5.38 13.19
C SER A 66 19.93 -5.32 12.58
N SER A 67 19.07 -4.53 13.20
CA SER A 67 17.70 -4.38 12.72
C SER A 67 17.67 -3.60 11.41
N GLU A 68 18.58 -2.64 11.28
CA GLU A 68 18.66 -1.81 10.08
C GLU A 68 19.18 -2.65 8.92
N LYS A 69 20.18 -3.47 9.19
CA LYS A 69 20.76 -4.34 8.18
C LYS A 69 19.70 -5.33 7.70
N GLU A 70 18.95 -5.88 8.65
CA GLU A 70 17.90 -6.85 8.35
C GLU A 70 16.78 -6.21 7.55
N LEU A 71 16.52 -4.94 7.81
CA LEU A 71 15.46 -4.23 7.08
C LEU A 71 15.76 -4.28 5.59
N HIS A 72 16.96 -3.85 5.23
CA HIS A 72 17.35 -3.83 3.82
C HIS A 72 17.54 -5.23 3.25
N ARG A 73 18.12 -6.13 4.03
CA ARG A 73 18.33 -7.49 3.56
C ARG A 73 16.98 -8.14 3.26
N GLY A 74 16.00 -7.90 4.12
CA GLY A 74 14.68 -8.46 3.91
C GLY A 74 14.03 -7.95 2.64
N PHE A 75 14.15 -6.66 2.37
CA PHE A 75 13.57 -6.08 1.16
C PHE A 75 14.32 -6.54 -0.08
N GLN A 76 15.65 -6.69 0.03
CA GLN A 76 16.44 -7.14 -1.10
C GLN A 76 16.01 -8.59 -1.44
N GLN A 77 15.80 -9.39 -0.41
CA GLN A 77 15.39 -10.78 -0.62
C GLN A 77 14.02 -10.83 -1.31
N LEU A 78 13.12 -9.95 -0.86
CA LEU A 78 11.77 -9.89 -1.44
C LEU A 78 11.83 -9.55 -2.93
N LEU A 79 12.61 -8.54 -3.27
CA LEU A 79 12.75 -8.13 -4.66
C LEU A 79 13.35 -9.23 -5.52
N GLN A 80 14.36 -9.90 -4.99
N GLN A 80 14.38 -9.91 -4.99
CA GLN A 80 15.02 -10.99 -5.72
CA GLN A 80 15.01 -10.98 -5.74
C GLN A 80 14.07 -12.16 -5.90
C GLN A 80 14.06 -12.16 -5.91
N GLU A 81 13.27 -12.44 -4.87
CA GLU A 81 12.30 -13.53 -4.92
C GLU A 81 11.27 -13.27 -6.01
N LEU A 82 10.89 -12.01 -6.17
CA LEU A 82 9.90 -11.65 -7.17
C LEU A 82 10.46 -11.68 -8.58
N ASN A 83 11.77 -11.93 -8.71
CA ASN A 83 12.39 -12.01 -10.03
C ASN A 83 12.09 -13.38 -10.60
N GLN A 84 11.60 -14.27 -9.73
CA GLN A 84 11.22 -15.61 -10.13
C GLN A 84 9.74 -15.51 -10.46
N PRO A 85 9.28 -16.24 -11.48
CA PRO A 85 7.86 -16.19 -11.85
C PRO A 85 6.94 -16.69 -10.73
N ARG A 86 5.93 -15.90 -10.40
CA ARG A 86 4.98 -16.30 -9.36
C ARG A 86 4.28 -17.56 -9.81
N ASP A 87 3.69 -18.28 -8.86
CA ASP A 87 2.99 -19.52 -9.16
C ASP A 87 1.47 -19.35 -9.10
N GLY A 88 0.86 -19.09 -10.24
CA GLY A 88 -0.58 -18.94 -10.27
C GLY A 88 -1.13 -17.53 -10.42
N PHE A 89 -0.28 -16.53 -10.25
CA PHE A 89 -0.72 -15.14 -10.36
C PHE A 89 0.41 -14.19 -10.75
N GLN A 90 0.19 -12.90 -10.55
CA GLN A 90 1.19 -11.91 -10.90
C GLN A 90 1.44 -10.91 -9.80
N LEU A 91 2.70 -10.69 -9.49
CA LEU A 91 3.10 -9.73 -8.47
C LEU A 91 4.44 -9.12 -8.85
N SER A 92 4.41 -7.82 -9.13
N SER A 92 4.42 -7.82 -9.14
CA SER A 92 5.62 -7.09 -9.52
CA SER A 92 5.64 -7.10 -9.50
C SER A 92 5.87 -5.96 -8.52
C SER A 92 5.87 -5.97 -8.52
N LEU A 93 7.13 -5.74 -8.17
CA LEU A 93 7.51 -4.69 -7.23
C LEU A 93 8.84 -4.13 -7.71
N GLY A 94 8.93 -2.81 -7.87
CA GLY A 94 10.17 -2.23 -8.34
C GLY A 94 10.44 -0.81 -7.90
N ASN A 95 11.68 -0.37 -8.14
CA ASN A 95 12.13 0.96 -7.74
C ASN A 95 12.92 1.66 -8.85
N ALA A 96 12.86 2.98 -8.85
CA ALA A 96 13.58 3.76 -9.85
C ALA A 96 13.90 5.15 -9.33
N LEU A 97 15.02 5.69 -9.80
CA LEU A 97 15.44 7.03 -9.43
C LEU A 97 15.47 7.88 -10.69
N PHE A 98 14.77 9.01 -10.66
CA PHE A 98 14.78 9.94 -11.78
C PHE A 98 15.57 11.12 -11.25
N THR A 99 16.74 11.36 -11.81
N THR A 99 16.74 11.36 -11.82
CA THR A 99 17.59 12.45 -11.35
CA THR A 99 17.59 12.44 -11.35
C THR A 99 17.97 13.44 -12.45
C THR A 99 17.97 13.44 -12.45
N ASP A 100 18.00 14.72 -12.07
CA ASP A 100 18.36 15.79 -13.01
C ASP A 100 19.87 15.73 -13.15
N LEU A 101 20.39 16.16 -14.30
CA LEU A 101 21.84 16.14 -14.53
C LEU A 101 22.62 17.10 -13.64
N VAL A 102 21.94 18.13 -13.14
CA VAL A 102 22.61 19.10 -12.27
C VAL A 102 22.89 18.48 -10.92
N VAL A 103 22.02 17.56 -10.51
CA VAL A 103 22.15 16.88 -9.23
C VAL A 103 23.31 15.91 -9.18
N ASP A 104 24.04 15.94 -8.08
N ASP A 104 24.06 15.93 -8.08
CA ASP A 104 25.19 15.07 -7.88
CA ASP A 104 25.19 15.05 -7.91
C ASP A 104 24.92 14.14 -6.70
C ASP A 104 24.93 14.13 -6.71
N LEU A 105 24.49 12.91 -6.99
CA LEU A 105 24.18 11.95 -5.94
C LEU A 105 25.42 11.25 -5.40
N GLN A 106 25.40 10.93 -4.11
CA GLN A 106 26.52 10.24 -3.47
C GLN A 106 26.69 8.86 -4.10
N ASP A 107 27.94 8.49 -4.39
CA ASP A 107 28.24 7.20 -4.99
C ASP A 107 27.62 6.07 -4.18
N THR A 108 27.78 6.12 -2.87
CA THR A 108 27.28 5.10 -1.97
C THR A 108 25.76 4.91 -2.00
N PHE A 109 25.01 6.01 -2.16
CA PHE A 109 23.56 5.92 -2.20
C PHE A 109 23.11 5.25 -3.49
N VAL A 110 23.69 5.66 -4.61
CA VAL A 110 23.32 5.07 -5.89
C VAL A 110 23.65 3.57 -5.91
N SER A 111 24.81 3.20 -5.35
N SER A 111 24.80 3.21 -5.35
CA SER A 111 25.21 1.80 -5.31
CA SER A 111 25.23 1.82 -5.30
C SER A 111 24.29 0.98 -4.43
C SER A 111 24.30 0.98 -4.43
N ALA A 112 23.91 1.53 -3.29
CA ALA A 112 23.02 0.83 -2.36
C ALA A 112 21.65 0.63 -3.01
N MET A 113 21.18 1.66 -3.71
CA MET A 113 19.89 1.59 -4.36
C MET A 113 19.86 0.52 -5.45
N LYS A 114 20.95 0.42 -6.22
CA LYS A 114 21.03 -0.57 -7.28
C LYS A 114 21.19 -2.00 -6.73
N THR A 115 22.02 -2.15 -5.71
CA THR A 115 22.28 -3.46 -5.12
C THR A 115 21.19 -4.00 -4.21
N LEU A 116 20.73 -3.16 -3.29
CA LEU A 116 19.70 -3.57 -2.34
C LEU A 116 18.28 -3.48 -2.87
N TYR A 117 18.00 -2.44 -3.65
CA TYR A 117 16.63 -2.26 -4.16
C TYR A 117 16.43 -2.41 -5.66
N LEU A 118 17.46 -2.90 -6.34
CA LEU A 118 17.41 -3.13 -7.79
C LEU A 118 16.83 -1.92 -8.50
N ALA A 119 17.19 -0.73 -8.03
CA ALA A 119 16.66 0.50 -8.59
C ALA A 119 17.17 0.84 -9.98
N ASP A 120 16.25 1.31 -10.81
CA ASP A 120 16.57 1.76 -12.16
C ASP A 120 16.98 3.22 -11.99
N THR A 121 17.92 3.66 -12.82
N THR A 121 17.91 3.67 -12.81
CA THR A 121 18.39 5.05 -12.75
CA THR A 121 18.37 5.05 -12.75
C THR A 121 18.20 5.73 -14.10
C THR A 121 18.19 5.73 -14.10
N PHE A 122 17.39 6.78 -14.12
CA PHE A 122 17.12 7.50 -15.37
C PHE A 122 17.35 9.00 -15.27
N PRO A 123 18.00 9.57 -16.30
CA PRO A 123 18.26 11.02 -16.31
C PRO A 123 16.94 11.74 -16.59
N THR A 124 16.72 12.87 -15.93
CA THR A 124 15.49 13.63 -16.12
C THR A 124 15.74 15.12 -16.12
N ASN A 125 15.11 15.83 -17.06
CA ASN A 125 15.26 17.28 -17.12
C ASN A 125 14.07 17.90 -16.40
N PHE A 126 14.24 18.14 -15.11
CA PHE A 126 13.18 18.70 -14.29
C PHE A 126 12.83 20.16 -14.57
N ARG A 127 13.65 20.82 -15.38
CA ARG A 127 13.35 22.22 -15.72
C ARG A 127 12.12 22.17 -16.62
N ASP A 128 11.96 21.05 -17.31
CA ASP A 128 10.83 20.83 -18.21
C ASP A 128 9.81 20.02 -17.40
N SER A 129 9.10 20.72 -16.51
N SER A 129 9.10 20.72 -16.51
CA SER A 129 8.10 20.08 -15.65
CA SER A 129 8.10 20.09 -15.65
C SER A 129 7.12 19.18 -16.40
C SER A 129 7.12 19.18 -16.40
N ALA A 130 6.59 19.67 -17.51
CA ALA A 130 5.63 18.89 -18.30
C ALA A 130 6.29 17.61 -18.81
N GLY A 131 7.51 17.74 -19.32
CA GLY A 131 8.22 16.60 -19.85
C GLY A 131 8.62 15.61 -18.77
N ALA A 132 8.97 16.12 -17.60
CA ALA A 132 9.38 15.27 -16.48
C ALA A 132 8.18 14.45 -16.00
N MET A 133 7.02 15.10 -15.90
CA MET A 133 5.81 14.40 -15.47
C MET A 133 5.43 13.32 -16.47
N LYS A 134 5.55 13.61 -17.75
CA LYS A 134 5.20 12.63 -18.77
C LYS A 134 6.13 11.42 -18.68
N GLN A 135 7.43 11.69 -18.56
CA GLN A 135 8.41 10.62 -18.46
C GLN A 135 8.13 9.70 -17.28
N ILE A 136 7.98 10.30 -16.10
CA ILE A 136 7.74 9.52 -14.89
C ILE A 136 6.36 8.89 -14.84
N ASN A 137 5.32 9.65 -15.21
CA ASN A 137 3.98 9.10 -15.20
C ASN A 137 3.82 7.96 -16.20
N ASP A 138 4.48 8.08 -17.36
CA ASP A 138 4.41 7.01 -18.35
C ASP A 138 5.10 5.76 -17.81
N TYR A 139 6.19 5.95 -17.09
CA TYR A 139 6.94 4.83 -16.51
C TYR A 139 6.07 4.12 -15.48
N VAL A 140 5.46 4.88 -14.59
CA VAL A 140 4.60 4.31 -13.56
C VAL A 140 3.40 3.59 -14.17
N ALA A 141 2.81 4.20 -15.20
CA ALA A 141 1.67 3.59 -15.86
C ALA A 141 2.07 2.27 -16.51
N LYS A 142 3.25 2.24 -17.12
CA LYS A 142 3.72 1.02 -17.77
C LYS A 142 3.95 -0.09 -16.75
N GLN A 143 4.62 0.24 -15.66
N GLN A 143 4.62 0.25 -15.66
CA GLN A 143 4.92 -0.74 -14.62
CA GLN A 143 4.92 -0.73 -14.61
C GLN A 143 3.68 -1.25 -13.89
C GLN A 143 3.69 -1.23 -13.87
N THR A 144 2.60 -0.47 -13.92
CA THR A 144 1.37 -0.87 -13.24
C THR A 144 0.29 -1.25 -14.25
N LYS A 145 0.75 -1.61 -15.46
CA LYS A 145 -0.13 -2.02 -16.53
C LYS A 145 -1.35 -1.12 -16.71
N GLY A 146 -1.10 0.18 -16.68
CA GLY A 146 -2.14 1.17 -16.87
C GLY A 146 -3.05 1.46 -15.69
N LYS A 147 -2.79 0.85 -14.54
CA LYS A 147 -3.64 1.08 -13.37
C LYS A 147 -3.35 2.36 -12.61
N ILE A 148 -2.09 2.79 -12.55
CA ILE A 148 -1.74 4.03 -11.87
C ILE A 148 -1.39 5.06 -12.92
N VAL A 149 -2.34 5.95 -13.21
N VAL A 149 -2.34 5.95 -13.20
CA VAL A 149 -2.13 6.99 -14.21
CA VAL A 149 -2.17 7.00 -14.19
C VAL A 149 -2.00 8.36 -13.56
C VAL A 149 -2.01 8.37 -13.55
N ASP A 150 -1.15 9.20 -14.13
CA ASP A 150 -0.91 10.54 -13.62
C ASP A 150 -0.54 10.60 -12.14
N LEU A 151 0.43 9.79 -11.73
CA LEU A 151 0.86 9.80 -10.34
C LEU A 151 1.24 11.23 -9.93
N LEU A 152 1.99 11.89 -10.81
CA LEU A 152 2.44 13.26 -10.56
C LEU A 152 1.55 14.29 -11.25
N LYS A 153 1.17 15.31 -10.50
CA LYS A 153 0.34 16.39 -11.03
C LYS A 153 0.91 17.75 -10.62
N ASN A 154 0.93 18.67 -11.57
CA ASN A 154 1.44 20.03 -11.34
C ASN A 154 2.77 20.01 -10.59
N LEU A 155 3.72 19.26 -11.11
CA LEU A 155 5.04 19.11 -10.52
C LEU A 155 5.72 20.43 -10.16
N ASP A 156 6.23 20.50 -8.92
CA ASP A 156 6.91 21.66 -8.38
C ASP A 156 7.70 22.52 -9.37
N SER A 157 8.70 21.91 -10.01
CA SER A 157 9.58 22.55 -10.99
C SER A 157 10.93 22.80 -10.33
N ASN A 158 10.93 22.75 -9.00
CA ASN A 158 12.15 22.93 -8.21
C ASN A 158 12.64 21.53 -7.85
N ALA A 159 11.99 20.53 -8.45
CA ALA A 159 12.35 19.14 -8.20
C ALA A 159 13.70 18.80 -8.83
N VAL A 160 14.49 18.01 -8.12
CA VAL A 160 15.81 17.61 -8.60
C VAL A 160 15.93 16.09 -8.69
N VAL A 161 15.17 15.40 -7.86
CA VAL A 161 15.18 13.94 -7.84
C VAL A 161 13.80 13.43 -7.42
N ILE A 162 13.36 12.36 -8.06
CA ILE A 162 12.09 11.73 -7.69
C ILE A 162 12.37 10.25 -7.61
N MET A 163 12.12 9.67 -6.44
CA MET A 163 12.33 8.25 -6.21
C MET A 163 10.98 7.59 -6.31
N VAL A 164 10.90 6.56 -7.14
CA VAL A 164 9.64 5.87 -7.36
C VAL A 164 9.62 4.40 -6.98
N ASN A 165 8.54 3.98 -6.35
CA ASN A 165 8.33 2.57 -6.05
C ASN A 165 6.97 2.26 -6.65
N TYR A 166 6.84 1.08 -7.23
CA TYR A 166 5.56 0.67 -7.80
C TYR A 166 5.31 -0.78 -7.42
N ILE A 167 4.05 -1.14 -7.39
CA ILE A 167 3.66 -2.50 -7.10
C ILE A 167 2.43 -2.81 -7.96
N PHE A 168 2.43 -4.01 -8.54
CA PHE A 168 1.30 -4.43 -9.36
C PHE A 168 0.92 -5.86 -8.99
N PHE A 169 -0.37 -6.07 -8.73
CA PHE A 169 -0.89 -7.38 -8.34
C PHE A 169 -2.12 -7.75 -9.16
N LYS A 170 -2.12 -8.97 -9.70
CA LYS A 170 -3.26 -9.45 -10.46
C LYS A 170 -3.37 -10.94 -10.21
N ALA A 171 -4.53 -11.37 -9.76
CA ALA A 171 -4.74 -12.78 -9.49
C ALA A 171 -6.18 -13.18 -9.64
N LYS A 172 -6.41 -14.42 -10.03
CA LYS A 172 -7.74 -14.96 -10.16
C LYS A 172 -8.06 -15.56 -8.81
N TRP A 173 -9.33 -15.59 -8.43
CA TRP A 173 -9.71 -16.22 -7.18
C TRP A 173 -9.43 -17.70 -7.42
N GLU A 174 -9.14 -18.45 -6.37
CA GLU A 174 -8.90 -19.88 -6.52
C GLU A 174 -10.22 -20.45 -7.06
N THR A 175 -11.33 -19.94 -6.53
CA THR A 175 -12.67 -20.33 -6.95
C THR A 175 -13.42 -19.04 -7.27
N SER A 176 -13.79 -18.87 -8.54
N SER A 176 -13.80 -18.87 -8.54
CA SER A 176 -14.49 -17.66 -8.95
CA SER A 176 -14.50 -17.67 -8.97
C SER A 176 -15.93 -17.61 -8.46
C SER A 176 -15.95 -17.62 -8.50
N PHE A 177 -16.50 -16.41 -8.50
CA PHE A 177 -17.89 -16.20 -8.12
C PHE A 177 -18.60 -16.42 -9.45
N ASN A 178 -19.80 -16.98 -9.43
CA ASN A 178 -20.52 -17.19 -10.69
C ASN A 178 -21.26 -15.90 -11.03
N HIS A 179 -21.04 -15.40 -12.25
CA HIS A 179 -21.68 -14.17 -12.71
C HIS A 179 -23.20 -14.20 -12.54
N LYS A 180 -23.78 -15.38 -12.68
CA LYS A 180 -25.22 -15.54 -12.55
C LYS A 180 -25.65 -15.38 -11.10
N GLY A 181 -24.67 -15.33 -10.21
CA GLY A 181 -24.97 -15.19 -8.79
C GLY A 181 -24.84 -13.75 -8.31
N THR A 182 -24.58 -12.83 -9.24
CA THR A 182 -24.44 -11.43 -8.86
C THR A 182 -25.74 -10.67 -9.08
N GLN A 183 -26.23 -10.04 -8.03
CA GLN A 183 -27.48 -9.29 -8.11
C GLN A 183 -27.34 -7.96 -7.35
N GLU A 184 -28.13 -6.97 -7.76
CA GLU A 184 -28.09 -5.67 -7.10
C GLU A 184 -28.67 -5.76 -5.69
N GLN A 185 -27.96 -5.18 -4.73
N GLN A 185 -27.95 -5.20 -4.73
CA GLN A 185 -28.40 -5.19 -3.35
CA GLN A 185 -28.36 -5.19 -3.34
C GLN A 185 -28.05 -3.86 -2.69
C GLN A 185 -28.05 -3.86 -2.69
N ASP A 186 -28.68 -3.60 -1.55
CA ASP A 186 -28.44 -2.37 -0.81
C ASP A 186 -27.18 -2.50 0.04
N PHE A 187 -26.37 -1.44 0.07
CA PHE A 187 -25.16 -1.42 0.88
C PHE A 187 -25.35 -0.26 1.84
N TYR A 188 -25.29 -0.55 3.14
CA TYR A 188 -25.50 0.49 4.14
C TYR A 188 -24.24 1.19 4.61
N VAL A 189 -23.95 2.33 3.99
CA VAL A 189 -22.78 3.12 4.36
C VAL A 189 -22.98 3.47 5.84
N THR A 190 -24.23 3.77 6.18
CA THR A 190 -24.64 4.04 7.56
C THR A 190 -26.08 3.52 7.59
N SER A 191 -26.75 3.58 8.73
CA SER A 191 -28.12 3.10 8.80
C SER A 191 -29.05 3.99 7.96
N GLU A 192 -28.61 5.21 7.69
CA GLU A 192 -29.41 6.17 6.92
C GLU A 192 -28.90 6.45 5.52
N THR A 193 -27.67 6.05 5.24
CA THR A 193 -27.09 6.27 3.92
C THR A 193 -26.92 4.92 3.22
N VAL A 194 -27.71 4.72 2.16
CA VAL A 194 -27.71 3.48 1.42
C VAL A 194 -27.32 3.67 -0.04
N VAL A 195 -26.51 2.73 -0.55
N VAL A 195 -26.50 2.75 -0.55
CA VAL A 195 -26.05 2.78 -1.93
CA VAL A 195 -26.06 2.79 -1.94
C VAL A 195 -26.30 1.43 -2.60
C VAL A 195 -26.29 1.43 -2.61
N ARG A 196 -26.69 1.47 -3.88
CA ARG A 196 -26.94 0.24 -4.64
C ARG A 196 -25.62 -0.32 -5.16
N VAL A 197 -25.39 -1.61 -4.96
CA VAL A 197 -24.15 -2.23 -5.42
C VAL A 197 -24.37 -3.62 -5.99
N PRO A 198 -23.48 -4.06 -6.90
CA PRO A 198 -23.64 -5.41 -7.48
C PRO A 198 -23.09 -6.33 -6.39
N MET A 199 -23.93 -7.23 -5.88
CA MET A 199 -23.49 -8.13 -4.82
C MET A 199 -23.21 -9.53 -5.36
N MET A 200 -21.95 -9.94 -5.28
CA MET A 200 -21.56 -11.27 -5.76
C MET A 200 -21.89 -12.27 -4.67
N SER A 201 -21.99 -13.53 -5.03
CA SER A 201 -22.29 -14.55 -4.05
C SER A 201 -21.81 -15.94 -4.43
N ARG A 202 -21.42 -16.71 -3.43
N ARG A 202 -21.40 -16.71 -3.43
CA ARG A 202 -20.93 -18.07 -3.65
CA ARG A 202 -20.96 -18.07 -3.65
C ARG A 202 -20.96 -18.85 -2.35
C ARG A 202 -21.00 -18.84 -2.34
N GLU A 203 -21.64 -20.00 -2.36
CA GLU A 203 -21.72 -20.84 -1.17
C GLU A 203 -20.52 -21.76 -1.31
N ASP A 204 -19.68 -21.82 -0.28
CA ASP A 204 -18.49 -22.65 -0.35
C ASP A 204 -17.89 -22.76 1.05
N GLN A 205 -16.79 -23.49 1.17
CA GLN A 205 -16.11 -23.61 2.45
C GLN A 205 -15.09 -22.48 2.46
N TYR A 206 -15.03 -21.75 3.57
CA TYR A 206 -14.09 -20.63 3.71
C TYR A 206 -13.42 -20.61 5.06
N HIS A 207 -12.23 -20.03 5.12
N HIS A 207 -12.23 -20.02 5.12
CA HIS A 207 -11.54 -19.87 6.39
CA HIS A 207 -11.53 -19.86 6.38
C HIS A 207 -12.32 -18.75 7.07
C HIS A 207 -12.33 -18.76 7.07
N TYR A 208 -12.77 -19.03 8.29
CA TYR A 208 -13.60 -18.07 9.01
C TYR A 208 -13.26 -17.98 10.49
N LEU A 209 -13.50 -16.80 11.05
CA LEU A 209 -13.28 -16.56 12.46
C LEU A 209 -14.20 -15.47 12.97
N LEU A 210 -14.81 -15.72 14.13
CA LEU A 210 -15.66 -14.74 14.77
C LEU A 210 -14.76 -14.19 15.87
N ASP A 211 -14.32 -12.95 15.71
CA ASP A 211 -13.45 -12.30 16.67
C ASP A 211 -14.33 -11.56 17.68
N ARG A 212 -14.50 -12.17 18.85
CA ARG A 212 -15.35 -11.58 19.89
C ARG A 212 -14.65 -10.46 20.66
N ASN A 213 -13.33 -10.39 20.56
CA ASN A 213 -12.57 -9.36 21.24
C ASN A 213 -12.76 -8.01 20.54
N LEU A 214 -12.57 -7.99 19.22
CA LEU A 214 -12.74 -6.76 18.47
C LEU A 214 -14.15 -6.62 17.94
N SER A 215 -14.88 -7.74 17.95
CA SER A 215 -16.27 -7.79 17.49
C SER A 215 -16.37 -7.64 15.97
N CYS A 216 -15.89 -8.67 15.27
CA CYS A 216 -15.93 -8.67 13.82
C CYS A 216 -15.82 -10.09 13.30
N ARG A 217 -16.27 -10.29 12.06
CA ARG A 217 -16.19 -11.59 11.41
C ARG A 217 -15.07 -11.44 10.39
N VAL A 218 -14.22 -12.45 10.30
CA VAL A 218 -13.09 -12.42 9.39
C VAL A 218 -13.21 -13.59 8.42
N VAL A 219 -13.14 -13.31 7.13
N VAL A 219 -13.12 -13.29 7.13
CA VAL A 219 -13.22 -14.38 6.14
CA VAL A 219 -13.22 -14.32 6.10
C VAL A 219 -12.05 -14.30 5.17
C VAL A 219 -12.02 -14.28 5.17
N GLY A 220 -11.43 -15.45 4.93
CA GLY A 220 -10.29 -15.49 4.02
C GLY A 220 -10.80 -16.04 2.70
N VAL A 221 -10.40 -15.41 1.62
CA VAL A 221 -10.79 -15.84 0.27
C VAL A 221 -9.48 -15.98 -0.50
N PRO A 222 -9.07 -17.21 -0.81
CA PRO A 222 -7.83 -17.47 -1.52
C PRO A 222 -7.73 -17.13 -3.02
N TYR A 223 -6.54 -16.72 -3.42
CA TYR A 223 -6.25 -16.41 -4.81
C TYR A 223 -5.49 -17.62 -5.33
N GLN A 224 -5.38 -17.73 -6.65
CA GLN A 224 -4.60 -18.82 -7.22
C GLN A 224 -3.18 -18.46 -6.76
N GLY A 225 -2.49 -19.40 -6.16
CA GLY A 225 -1.15 -19.12 -5.68
C GLY A 225 -1.18 -19.00 -4.16
N ASN A 226 -0.12 -18.45 -3.57
CA ASN A 226 -0.05 -18.35 -2.12
C ASN A 226 -0.77 -17.14 -1.51
N ALA A 227 -1.14 -16.15 -2.33
CA ALA A 227 -1.80 -14.97 -1.80
C ALA A 227 -3.27 -15.19 -1.40
N THR A 228 -3.76 -14.35 -0.50
N THR A 228 -3.75 -14.35 -0.50
CA THR A 228 -5.15 -14.45 -0.08
CA THR A 228 -5.12 -14.45 -0.02
C THR A 228 -5.70 -13.08 0.27
C THR A 228 -5.69 -13.08 0.28
N ALA A 229 -7.01 -12.95 0.19
CA ALA A 229 -7.67 -11.71 0.53
C ALA A 229 -8.33 -11.98 1.86
N LEU A 230 -8.37 -10.96 2.71
N LEU A 230 -8.37 -10.96 2.70
CA LEU A 230 -9.02 -11.08 4.01
CA LEU A 230 -9.03 -11.07 3.99
C LEU A 230 -10.06 -9.98 4.05
C LEU A 230 -10.07 -9.97 4.02
N PHE A 231 -11.31 -10.33 4.32
CA PHE A 231 -12.38 -9.34 4.39
C PHE A 231 -12.87 -9.34 5.84
N ILE A 232 -12.92 -8.15 6.43
N ILE A 232 -12.92 -8.16 6.44
CA ILE A 232 -13.33 -7.99 7.83
CA ILE A 232 -13.34 -8.02 7.83
C ILE A 232 -14.64 -7.21 7.95
C ILE A 232 -14.62 -7.21 7.96
N LEU A 233 -15.65 -7.83 8.55
CA LEU A 233 -16.94 -7.18 8.74
C LEU A 233 -17.18 -6.91 10.22
N PRO A 234 -17.03 -5.66 10.66
CA PRO A 234 -17.25 -5.35 12.07
C PRO A 234 -18.73 -5.50 12.39
N SER A 235 -19.03 -5.79 13.65
N SER A 235 -19.04 -5.80 13.65
CA SER A 235 -20.42 -5.90 14.09
CA SER A 235 -20.43 -5.93 14.06
C SER A 235 -21.01 -4.50 13.93
C SER A 235 -21.00 -4.51 13.96
N GLU A 236 -22.33 -4.40 14.01
CA GLU A 236 -22.99 -3.10 13.90
C GLU A 236 -22.36 -2.11 14.88
N GLY A 237 -21.98 -0.94 14.36
CA GLY A 237 -21.38 0.11 15.18
C GLY A 237 -19.99 -0.12 15.73
N LYS A 238 -19.29 -1.15 15.26
CA LYS A 238 -17.97 -1.44 15.78
C LYS A 238 -16.78 -1.22 14.84
N MET A 239 -16.97 -0.52 13.74
CA MET A 239 -15.85 -0.27 12.83
C MET A 239 -14.71 0.49 13.51
N GLN A 240 -15.03 1.53 14.29
CA GLN A 240 -14.01 2.30 14.98
C GLN A 240 -13.22 1.40 15.94
N GLN A 241 -13.96 0.55 16.64
CA GLN A 241 -13.36 -0.38 17.59
C GLN A 241 -12.40 -1.32 16.89
N VAL A 242 -12.81 -1.82 15.72
CA VAL A 242 -11.96 -2.73 14.96
C VAL A 242 -10.72 -1.98 14.47
N GLU A 243 -10.91 -0.77 13.94
CA GLU A 243 -9.79 0.03 13.46
C GLU A 243 -8.79 0.30 14.58
N ASN A 244 -9.29 0.61 15.78
CA ASN A 244 -8.41 0.87 16.91
C ASN A 244 -7.61 -0.37 17.32
N GLY A 245 -8.17 -1.55 17.04
CA GLY A 245 -7.51 -2.79 17.40
C GLY A 245 -6.59 -3.39 16.36
N LEU A 246 -6.57 -2.82 15.16
CA LEU A 246 -5.71 -3.36 14.12
C LEU A 246 -4.25 -3.29 14.52
N SER A 247 -3.51 -4.36 14.25
CA SER A 247 -2.09 -4.42 14.56
C SER A 247 -1.52 -5.63 13.86
N GLU A 248 -0.19 -5.71 13.81
CA GLU A 248 0.46 -6.85 13.18
C GLU A 248 0.06 -8.11 13.94
N LYS A 249 0.00 -8.01 15.26
CA LYS A 249 -0.37 -9.14 16.12
C LYS A 249 -1.79 -9.62 15.80
N THR A 250 -2.71 -8.67 15.65
CA THR A 250 -4.09 -9.00 15.34
C THR A 250 -4.19 -9.77 14.02
N LEU A 251 -3.46 -9.30 13.00
CA LEU A 251 -3.47 -9.96 11.71
C LEU A 251 -2.90 -11.37 11.86
N ARG A 252 -1.80 -11.49 12.60
CA ARG A 252 -1.21 -12.81 12.80
C ARG A 252 -2.22 -13.73 13.49
N LYS A 253 -2.94 -13.19 14.46
CA LYS A 253 -3.94 -13.97 15.18
C LYS A 253 -5.03 -14.47 14.25
N TRP A 254 -5.56 -13.58 13.42
CA TRP A 254 -6.61 -13.96 12.49
C TRP A 254 -6.16 -15.08 11.56
N LEU A 255 -5.01 -14.89 10.93
CA LEU A 255 -4.47 -15.87 10.00
C LEU A 255 -4.21 -17.24 10.60
N LYS A 256 -3.78 -17.29 11.86
CA LYS A 256 -3.48 -18.58 12.47
C LYS A 256 -4.68 -19.25 13.16
N MET A 257 -5.68 -18.45 13.52
CA MET A 257 -6.86 -18.99 14.21
C MET A 257 -8.02 -19.37 13.29
N PHE A 258 -7.87 -19.05 12.00
CA PHE A 258 -8.87 -19.36 10.97
C PHE A 258 -9.31 -20.82 11.02
N LYS A 259 -10.62 -21.07 10.88
CA LYS A 259 -11.15 -22.43 10.85
C LYS A 259 -12.06 -22.55 9.62
N LYS A 260 -12.17 -23.76 9.06
CA LYS A 260 -13.00 -23.96 7.88
C LYS A 260 -14.48 -24.04 8.23
N ARG A 261 -15.30 -23.31 7.46
CA ARG A 261 -16.74 -23.28 7.68
C ARG A 261 -17.48 -23.04 6.37
N GLN A 262 -18.67 -23.62 6.26
CA GLN A 262 -19.49 -23.45 5.07
C GLN A 262 -20.25 -22.12 5.18
N LEU A 263 -20.11 -21.27 4.18
CA LEU A 263 -20.77 -19.98 4.18
C LEU A 263 -21.44 -19.69 2.84
N GLU A 264 -22.55 -18.96 2.90
CA GLU A 264 -23.23 -18.49 1.70
C GLU A 264 -22.73 -17.06 1.76
N LEU A 265 -21.61 -16.80 1.09
CA LEU A 265 -20.96 -15.49 1.10
C LEU A 265 -21.47 -14.51 0.05
N TYR A 266 -21.77 -13.30 0.51
CA TYR A 266 -22.22 -12.22 -0.36
C TYR A 266 -21.20 -11.11 -0.21
N LEU A 267 -20.53 -10.79 -1.32
CA LEU A 267 -19.47 -9.78 -1.32
C LEU A 267 -19.68 -8.84 -2.50
N PRO A 268 -19.63 -7.54 -2.26
CA PRO A 268 -19.83 -6.63 -3.39
C PRO A 268 -18.71 -6.62 -4.41
N LYS A 269 -19.07 -6.34 -5.66
N LYS A 269 -19.07 -6.33 -5.66
CA LYS A 269 -18.09 -6.19 -6.72
CA LYS A 269 -18.10 -6.19 -6.72
C LYS A 269 -17.78 -4.71 -6.54
C LYS A 269 -17.78 -4.71 -6.56
N PHE A 270 -16.51 -4.36 -6.45
CA PHE A 270 -16.16 -2.96 -6.24
C PHE A 270 -14.80 -2.54 -6.72
N SER A 271 -14.63 -1.23 -6.82
N SER A 271 -14.63 -1.23 -6.83
CA SER A 271 -13.38 -0.63 -7.25
CA SER A 271 -13.39 -0.62 -7.25
C SER A 271 -13.20 0.65 -6.44
C SER A 271 -13.22 0.64 -6.42
N ILE A 272 -12.13 0.72 -5.66
CA ILE A 272 -11.87 1.91 -4.87
C ILE A 272 -10.42 2.34 -5.03
N GLU A 273 -10.11 3.51 -4.51
CA GLU A 273 -8.75 4.01 -4.63
C GLU A 273 -8.39 4.95 -3.51
N GLY A 274 -7.10 5.21 -3.38
CA GLY A 274 -6.62 6.12 -2.37
C GLY A 274 -5.55 6.99 -3.00
N SER A 275 -5.59 8.28 -2.69
N SER A 275 -5.59 8.29 -2.69
CA SER A 275 -4.63 9.25 -3.19
CA SER A 275 -4.62 9.24 -3.19
C SER A 275 -4.18 10.08 -1.99
C SER A 275 -4.18 10.08 -2.00
N TYR A 276 -2.91 9.97 -1.63
CA TYR A 276 -2.41 10.69 -0.47
C TYR A 276 -1.14 11.49 -0.62
N GLN A 277 -1.05 12.55 0.17
CA GLN A 277 0.14 13.38 0.24
C GLN A 277 0.68 12.96 1.59
N LEU A 278 1.52 11.94 1.58
CA LEU A 278 2.05 11.37 2.80
C LEU A 278 2.89 12.30 3.65
N GLU A 279 3.44 13.36 3.06
CA GLU A 279 4.25 14.29 3.83
C GLU A 279 3.40 14.98 4.89
N LYS A 280 2.09 15.01 4.68
CA LYS A 280 1.19 15.64 5.64
C LYS A 280 0.72 14.64 6.69
N VAL A 281 0.90 13.36 6.38
CA VAL A 281 0.47 12.29 7.26
C VAL A 281 1.56 11.65 8.11
N LEU A 282 2.71 11.37 7.50
CA LEU A 282 3.80 10.73 8.21
C LEU A 282 4.25 11.39 9.51
N PRO A 283 4.11 12.72 9.63
CA PRO A 283 4.55 13.32 10.90
C PRO A 283 3.77 12.71 12.07
N SER A 284 2.60 12.13 11.77
CA SER A 284 1.78 11.50 12.79
C SER A 284 2.44 10.23 13.31
N LEU A 285 3.39 9.71 12.54
CA LEU A 285 4.14 8.52 12.92
C LEU A 285 5.53 8.92 13.37
N GLY A 286 5.72 10.22 13.61
CA GLY A 286 7.01 10.71 14.07
C GLY A 286 8.02 10.97 12.97
N ILE A 287 7.64 10.80 11.72
CA ILE A 287 8.55 11.03 10.60
C ILE A 287 8.27 12.44 10.08
N SER A 288 9.08 13.39 10.50
CA SER A 288 8.87 14.78 10.13
C SER A 288 10.07 15.57 9.60
N ASN A 289 11.22 15.38 10.21
CA ASN A 289 12.41 16.14 9.81
C ASN A 289 12.78 16.08 8.33
N VAL A 290 12.61 14.92 7.72
CA VAL A 290 12.96 14.75 6.32
C VAL A 290 12.20 15.68 5.38
N PHE A 291 11.08 16.23 5.84
CA PHE A 291 10.27 17.13 5.02
C PHE A 291 10.53 18.60 5.34
N THR A 292 11.55 18.86 6.15
CA THR A 292 11.87 20.23 6.54
C THR A 292 13.23 20.71 6.05
N SER A 293 13.53 21.98 6.28
CA SER A 293 14.81 22.53 5.86
C SER A 293 15.91 21.99 6.78
N HIS A 294 15.51 21.29 7.83
CA HIS A 294 16.48 20.71 8.76
C HIS A 294 16.69 19.24 8.48
N ALA A 295 16.22 18.80 7.32
CA ALA A 295 16.38 17.41 6.92
C ALA A 295 17.86 17.09 6.78
N ASP A 296 18.26 15.91 7.25
CA ASP A 296 19.65 15.49 7.11
C ASP A 296 19.61 14.40 6.05
N LEU A 297 19.89 14.79 4.81
CA LEU A 297 19.91 13.85 3.69
C LEU A 297 21.30 13.87 3.07
N SER A 298 22.30 13.98 3.94
CA SER A 298 23.70 14.00 3.53
C SER A 298 24.10 12.73 2.79
N GLY A 299 23.35 11.66 3.00
CA GLY A 299 23.66 10.40 2.34
C GLY A 299 23.24 10.35 0.88
N ILE A 300 22.29 11.18 0.48
N ILE A 300 22.26 11.18 0.53
CA ILE A 300 21.86 11.16 -0.92
CA ILE A 300 21.75 11.25 -0.83
C ILE A 300 22.60 12.18 -1.76
C ILE A 300 22.67 12.13 -1.68
N SER A 301 22.93 13.32 -1.15
N SER A 301 22.87 13.35 -1.21
CA SER A 301 23.64 14.38 -1.86
CA SER A 301 23.73 14.31 -1.89
C SER A 301 24.28 15.35 -0.88
C SER A 301 24.32 15.27 -0.88
N ASN A 302 25.45 15.88 -1.25
CA ASN A 302 26.14 16.83 -0.39
C ASN A 302 25.66 18.24 -0.69
N HIS A 303 24.75 18.35 -1.66
CA HIS A 303 24.20 19.64 -2.05
C HIS A 303 23.42 20.21 -0.88
N SER A 304 23.54 21.51 -0.66
CA SER A 304 22.83 22.17 0.44
C SER A 304 21.33 22.28 0.25
N ASN A 305 20.62 22.35 1.36
CA ASN A 305 19.17 22.50 1.39
C ASN A 305 18.36 21.43 0.64
N ILE A 306 18.80 20.18 0.73
CA ILE A 306 18.07 19.10 0.07
C ILE A 306 17.07 18.53 1.07
N GLN A 307 15.82 18.40 0.65
CA GLN A 307 14.77 17.88 1.51
C GLN A 307 13.68 17.26 0.65
N VAL A 308 12.77 16.54 1.28
CA VAL A 308 11.67 15.93 0.56
C VAL A 308 10.49 16.89 0.62
N SER A 309 10.08 17.39 -0.54
CA SER A 309 8.96 18.31 -0.63
C SER A 309 7.65 17.58 -0.40
N GLU A 310 7.55 16.38 -0.96
CA GLU A 310 6.35 15.59 -0.78
C GLU A 310 6.56 14.12 -1.12
N MET A 311 5.66 13.28 -0.62
CA MET A 311 5.71 11.85 -0.89
C MET A 311 4.28 11.50 -1.27
N VAL A 312 4.03 11.41 -2.58
N VAL A 312 4.04 11.41 -2.58
CA VAL A 312 2.70 11.10 -3.08
CA VAL A 312 2.70 11.10 -3.08
C VAL A 312 2.48 9.60 -3.24
C VAL A 312 2.48 9.59 -3.22
N HIS A 313 1.29 9.14 -2.86
CA HIS A 313 0.94 7.73 -2.97
C HIS A 313 -0.41 7.61 -3.66
N LYS A 314 -0.52 6.67 -4.60
CA LYS A 314 -1.76 6.42 -5.30
C LYS A 314 -1.91 4.91 -5.35
N ALA A 315 -3.09 4.42 -4.98
CA ALA A 315 -3.34 2.98 -4.96
C ALA A 315 -4.76 2.73 -5.45
N VAL A 316 -4.93 1.65 -6.22
CA VAL A 316 -6.25 1.30 -6.75
C VAL A 316 -6.47 -0.19 -6.64
N VAL A 317 -7.75 -0.58 -6.55
CA VAL A 317 -8.10 -1.99 -6.48
C VAL A 317 -9.41 -2.24 -7.19
N GLU A 318 -9.50 -3.38 -7.86
CA GLU A 318 -10.70 -3.81 -8.56
C GLU A 318 -10.98 -5.22 -8.09
N VAL A 319 -12.18 -5.45 -7.57
CA VAL A 319 -12.58 -6.77 -7.10
C VAL A 319 -13.82 -7.18 -7.86
N ASP A 320 -13.77 -8.32 -8.54
CA ASP A 320 -14.95 -8.80 -9.26
C ASP A 320 -15.08 -10.31 -9.17
N GLU A 321 -15.96 -10.88 -9.97
CA GLU A 321 -16.19 -12.31 -9.91
C GLU A 321 -15.00 -13.19 -10.26
N SER A 322 -14.12 -12.70 -11.12
N SER A 322 -14.12 -12.69 -11.12
CA SER A 322 -12.95 -13.49 -11.53
CA SER A 322 -12.95 -13.44 -11.56
C SER A 322 -11.75 -13.38 -10.59
C SER A 322 -11.74 -13.37 -10.63
N GLY A 323 -11.56 -12.23 -9.97
CA GLY A 323 -10.42 -12.08 -9.08
C GLY A 323 -10.20 -10.66 -8.61
N THR A 324 -8.94 -10.27 -8.55
CA THR A 324 -8.56 -8.94 -8.08
C THR A 324 -7.35 -8.37 -8.81
N ARG A 325 -7.39 -7.08 -9.07
CA ARG A 325 -6.26 -6.38 -9.66
C ARG A 325 -6.03 -5.24 -8.69
N ALA A 326 -4.78 -5.03 -8.30
CA ALA A 326 -4.45 -3.95 -7.36
C ALA A 326 -3.09 -3.40 -7.75
N ALA A 327 -2.92 -2.10 -7.58
CA ALA A 327 -1.64 -1.49 -7.92
C ALA A 327 -1.46 -0.23 -7.11
N ALA A 328 -0.21 0.20 -7.00
CA ALA A 328 0.09 1.42 -6.27
C ALA A 328 1.48 1.91 -6.63
N ALA A 329 1.73 3.17 -6.34
CA ALA A 329 3.03 3.75 -6.59
C ALA A 329 3.24 4.85 -5.57
N THR A 330 4.49 5.06 -5.19
CA THR A 330 4.85 6.10 -4.23
C THR A 330 5.95 6.91 -4.88
N GLY A 331 5.75 8.22 -4.95
CA GLY A 331 6.75 9.10 -5.55
C GLY A 331 7.29 10.03 -4.49
N THR A 332 8.57 9.89 -4.17
CA THR A 332 9.22 10.73 -3.16
C THR A 332 9.98 11.81 -3.91
N ILE A 333 9.54 13.05 -3.75
CA ILE A 333 10.13 14.20 -4.45
C ILE A 333 11.12 15.00 -3.63
N PHE A 334 12.33 15.17 -4.17
CA PHE A 334 13.39 15.93 -3.52
C PHE A 334 13.59 17.28 -4.20
N THR A 335 13.83 18.31 -3.40
CA THR A 335 14.05 19.66 -3.92
C THR A 335 15.26 20.29 -3.24
N PHE A 336 15.80 21.36 -3.84
CA PHE A 336 16.93 22.06 -3.29
C PHE A 336 16.50 23.42 -2.74
N SER B 2 -25.47 -24.02 5.61
CA SER B 2 -24.49 -22.93 5.38
C SER B 2 -24.94 -21.62 6.02
N GLN B 3 -23.99 -20.94 6.64
CA GLN B 3 -24.23 -19.66 7.30
C GLN B 3 -24.20 -18.54 6.28
N ARG B 4 -25.24 -17.69 6.27
CA ARG B 4 -25.28 -16.59 5.32
C ARG B 4 -24.53 -15.38 5.88
N LEU B 5 -23.54 -14.91 5.14
CA LEU B 5 -22.75 -13.75 5.57
C LEU B 5 -22.72 -12.72 4.45
N VAL B 6 -23.31 -11.56 4.70
CA VAL B 6 -23.39 -10.51 3.70
C VAL B 6 -22.57 -9.27 4.03
N PHE B 7 -21.67 -8.90 3.13
CA PHE B 7 -20.87 -7.70 3.35
C PHE B 7 -21.62 -6.50 2.79
N ASN B 8 -22.61 -6.05 3.56
CA ASN B 8 -23.42 -4.91 3.16
C ASN B 8 -23.29 -3.72 4.12
N ARG B 9 -22.14 -3.65 4.79
CA ARG B 9 -21.80 -2.57 5.71
C ARG B 9 -20.31 -2.33 5.47
N PRO B 10 -19.79 -1.16 5.87
CA PRO B 10 -18.35 -0.91 5.66
C PRO B 10 -17.50 -2.07 6.15
N PHE B 11 -16.49 -2.43 5.36
CA PHE B 11 -15.63 -3.55 5.70
C PHE B 11 -14.18 -3.28 5.32
N LEU B 12 -13.27 -4.07 5.86
CA LEU B 12 -11.85 -3.92 5.55
C LEU B 12 -11.41 -5.01 4.60
N MET B 13 -10.38 -4.71 3.81
CA MET B 13 -9.82 -5.69 2.89
C MET B 13 -8.31 -5.69 3.00
N PHE B 14 -7.74 -6.89 3.11
CA PHE B 14 -6.30 -7.07 3.16
C PHE B 14 -5.94 -7.97 1.98
N ILE B 15 -4.81 -7.69 1.36
CA ILE B 15 -4.29 -8.57 0.31
C ILE B 15 -2.94 -8.95 0.89
N VAL B 16 -2.77 -10.23 1.22
CA VAL B 16 -1.54 -10.69 1.84
C VAL B 16 -0.84 -11.85 1.15
N ASP B 17 0.48 -11.88 1.29
CA ASP B 17 1.33 -12.92 0.74
C ASP B 17 2.67 -12.82 1.48
N ASN B 18 2.69 -13.29 2.73
CA ASN B 18 3.90 -13.21 3.56
C ASN B 18 4.33 -11.75 3.71
N ASN B 19 3.40 -10.84 3.41
CA ASN B 19 3.60 -9.40 3.50
C ASN B 19 2.22 -8.81 3.29
N ILE B 20 1.98 -7.62 3.83
CA ILE B 20 0.69 -6.96 3.62
C ILE B 20 0.89 -6.12 2.36
N LEU B 21 0.45 -6.65 1.23
CA LEU B 21 0.61 -5.97 -0.05
C LEU B 21 -0.29 -4.75 -0.16
N PHE B 22 -1.54 -4.90 0.26
CA PHE B 22 -2.52 -3.82 0.20
C PHE B 22 -3.43 -3.89 1.40
N LEU B 23 -3.93 -2.74 1.83
CA LEU B 23 -4.84 -2.65 2.96
C LEU B 23 -5.83 -1.53 2.71
N GLY B 24 -7.10 -1.77 3.01
CA GLY B 24 -8.08 -0.71 2.80
C GLY B 24 -9.40 -0.90 3.50
N LYS B 25 -10.23 0.13 3.39
CA LYS B 25 -11.56 0.11 3.97
C LYS B 25 -12.55 0.51 2.89
N VAL B 26 -13.52 -0.36 2.63
CA VAL B 26 -14.56 -0.09 1.64
C VAL B 26 -15.71 0.51 2.43
N ASN B 27 -15.80 1.84 2.39
CA ASN B 27 -16.83 2.56 3.12
C ASN B 27 -17.99 2.94 2.20
N ARG B 28 -17.63 3.27 0.96
CA ARG B 28 -18.59 3.68 -0.05
C ARG B 28 -18.26 3.06 -1.40
N PRO B 29 -18.75 1.85 -1.65
CA PRO B 29 -18.48 1.17 -2.93
C PRO B 29 -19.19 1.92 -4.06
#